data_5SM0
#
_entry.id   5SM0
#
_cell.length_a   67.669
_cell.length_b   68.214
_cell.length_c   138.551
_cell.angle_alpha   90.000
_cell.angle_beta   90.000
_cell.angle_gamma   90.000
#
_symmetry.space_group_name_H-M   'P 21 21 21'
#
loop_
_entity.id
_entity.type
_entity.pdbx_description
1 polymer 'Proofreading exoribonuclease nsp14'
2 non-polymer 'ZINC ION'
3 non-polymer 'PHOSPHATE ION'
4 non-polymer (1-benzofuran-2-yl)(4-methylpiperidin-1-yl)methanone
5 water water
#
_entity_poly.entity_id   1
_entity_poly.type   'polypeptide(L)'
_entity_poly.pdbx_seq_one_letter_code
;SMLFKDCSKVITGLHPTQAPTHLSVDTKFKTEGLCVDIPGIPKDMTYRRLISMMGFKMNYQVNGYPNMFITREEAIRHVR
AWIGFDVEGCHATREAVGTNLPLQLGFSTGVNLVAVPTGYVDTPNNTDFSRVSAKPPPGDQFKHLIPLMYKGLPWNVVRI
KIVQMLSDTLKNLSDRVVFVLWAHGFELTSMKYFVKIGPERTCCLCDRRATCFSTASDTYACWHHSIGFDYVYNPFMIDV
QQWGFTGNLQSNHDLYCQVHGNAHVASCDAIMTRCLAVHECFVKRVDWTIEYPIIGDELKINAACRKVQHMVVKAALLAD
KFPVLHDIGNPKAIKCVPQADVEWKFYDAQPCSDKAYKIEELFYSYATHSDKFTDGVCLFWNCNVDRYPANSIVCRFDTR
VLSNLNLPGCDGGSLYVNKHAFHTPAFDKSAFVNLKQLPFFYYSDSPCESHGKQVVSDIDYVPLKSATCITRCNLGGAVC
RHHANEYRLYLDAYNMMISAGFSLWVYKQFDTYNLWNTFTRLQ
;
_entity_poly.pdbx_strand_id   D
#
loop_
_chem_comp.id
_chem_comp.type
_chem_comp.name
_chem_comp.formula
LQI non-polymer (1-benzofuran-2-yl)(4-methylpiperidin-1-yl)methanone 'C15 H17 N O2'
PO4 non-polymer 'PHOSPHATE ION' 'O4 P -3'
ZN non-polymer 'ZINC ION' 'Zn 2'
#
# COMPACT_ATOMS: atom_id res chain seq x y z
N PRO A 20 7.92 -15.64 -22.43
CA PRO A 20 6.79 -14.93 -21.80
C PRO A 20 7.23 -14.06 -20.62
N THR A 21 8.39 -13.38 -20.76
CA THR A 21 8.89 -12.52 -19.69
C THR A 21 8.30 -11.11 -19.83
N HIS A 22 8.67 -10.37 -20.88
CA HIS A 22 8.20 -9.00 -21.12
C HIS A 22 7.08 -8.95 -22.20
N LEU A 23 6.49 -7.77 -22.41
CA LEU A 23 5.46 -7.58 -23.41
C LEU A 23 6.13 -7.42 -24.78
N SER A 24 5.81 -8.29 -25.76
CA SER A 24 6.40 -8.19 -27.09
C SER A 24 6.04 -6.87 -27.75
N VAL A 25 7.02 -6.22 -28.39
CA VAL A 25 6.72 -4.99 -29.13
C VAL A 25 5.82 -5.27 -30.33
N ASP A 26 5.81 -6.52 -30.84
CA ASP A 26 4.96 -6.87 -31.97
C ASP A 26 3.52 -7.23 -31.55
N THR A 27 3.17 -7.11 -30.25
CA THR A 27 1.81 -7.33 -29.74
C THR A 27 0.95 -6.18 -30.28
N LYS A 28 -0.32 -6.47 -30.54
CA LYS A 28 -1.23 -5.47 -31.08
C LYS A 28 -1.69 -4.48 -30.01
N PHE A 29 -1.91 -3.23 -30.43
CA PHE A 29 -2.38 -2.15 -29.56
C PHE A 29 -3.70 -1.59 -30.15
N LYS A 30 -4.82 -1.75 -29.42
CA LYS A 30 -6.11 -1.22 -29.88
C LYS A 30 -6.05 0.30 -29.85
N THR A 31 -6.22 0.95 -30.99
CA THR A 31 -6.07 2.41 -31.12
C THR A 31 -7.37 3.20 -31.08
N GLU A 32 -8.51 2.55 -30.83
CA GLU A 32 -9.81 3.23 -30.83
C GLU A 32 -9.89 4.42 -29.85
N GLY A 33 -9.36 4.23 -28.65
CA GLY A 33 -9.31 5.27 -27.62
C GLY A 33 -8.44 6.47 -27.95
N LEU A 34 -7.57 6.34 -28.97
CA LEU A 34 -6.63 7.35 -29.43
C LEU A 34 -7.15 8.19 -30.62
N CYS A 35 -8.21 7.76 -31.29
CA CYS A 35 -8.62 8.39 -32.56
C CYS A 35 -9.33 9.77 -32.46
N VAL A 36 -9.66 10.27 -31.27
CA VAL A 36 -10.26 11.61 -31.17
C VAL A 36 -9.11 12.64 -31.11
N ASP A 37 -8.07 12.40 -30.29
CA ASP A 37 -6.88 13.26 -30.32
C ASP A 37 -6.04 12.97 -31.57
N ILE A 38 -6.05 11.73 -32.09
CA ILE A 38 -5.28 11.33 -33.27
C ILE A 38 -6.19 10.79 -34.39
N PRO A 39 -6.92 11.67 -35.08
CA PRO A 39 -7.77 11.21 -36.19
C PRO A 39 -6.99 10.59 -37.33
N GLY A 40 -7.51 9.49 -37.84
CA GLY A 40 -6.89 8.76 -38.92
C GLY A 40 -5.95 7.66 -38.45
N ILE A 41 -5.77 7.50 -37.11
CA ILE A 41 -4.88 6.47 -36.60
C ILE A 41 -5.24 5.07 -37.15
N PRO A 42 -4.24 4.32 -37.64
CA PRO A 42 -4.53 2.99 -38.17
C PRO A 42 -5.10 2.07 -37.11
N LYS A 43 -6.10 1.28 -37.46
CA LYS A 43 -6.67 0.32 -36.54
C LYS A 43 -5.63 -0.79 -36.23
N ASP A 44 -4.85 -1.17 -37.24
CA ASP A 44 -3.79 -2.16 -37.13
C ASP A 44 -2.57 -1.43 -36.59
N MET A 45 -2.14 -1.76 -35.37
CA MET A 45 -1.03 -1.07 -34.71
C MET A 45 -0.31 -1.98 -33.71
N THR A 46 1.01 -1.96 -33.69
CA THR A 46 1.80 -2.72 -32.70
C THR A 46 2.45 -1.76 -31.70
N TYR A 47 3.02 -2.27 -30.60
CA TYR A 47 3.76 -1.41 -29.66
C TYR A 47 4.98 -0.79 -30.40
N ARG A 48 5.63 -1.58 -31.30
CA ARG A 48 6.78 -1.19 -32.11
C ARG A 48 6.46 0.05 -32.93
N ARG A 49 5.30 0.05 -33.61
CA ARG A 49 4.88 1.21 -34.40
C ARG A 49 4.42 2.40 -33.54
N LEU A 50 3.73 2.13 -32.41
CA LEU A 50 3.23 3.14 -31.48
C LEU A 50 4.38 3.90 -30.84
N ILE A 51 5.39 3.19 -30.32
CA ILE A 51 6.59 3.78 -29.71
C ILE A 51 7.32 4.67 -30.75
N SER A 52 7.42 4.20 -31.98
CA SER A 52 8.01 4.93 -33.07
C SER A 52 7.25 6.23 -33.37
N MET A 53 5.92 6.17 -33.39
CA MET A 53 5.02 7.30 -33.59
C MET A 53 5.15 8.31 -32.41
N MET A 54 5.46 7.81 -31.21
CA MET A 54 5.66 8.67 -30.04
C MET A 54 6.99 9.44 -30.07
N GLY A 55 7.81 9.24 -31.11
CA GLY A 55 9.09 9.93 -31.28
C GLY A 55 10.29 9.24 -30.69
N PHE A 56 10.16 7.97 -30.29
CA PHE A 56 11.27 7.22 -29.70
C PHE A 56 11.88 6.23 -30.68
N LYS A 57 13.16 5.89 -30.51
CA LYS A 57 13.83 4.92 -31.37
C LYS A 57 14.44 3.82 -30.51
N MET A 58 13.94 2.59 -30.65
CA MET A 58 14.45 1.49 -29.84
C MET A 58 15.74 0.84 -30.43
N ASN A 59 16.18 1.29 -31.64
CA ASN A 59 17.43 0.94 -32.35
C ASN A 59 17.89 -0.55 -32.35
N TYR A 60 16.97 -1.53 -32.16
CA TYR A 60 17.27 -2.98 -32.02
C TYR A 60 18.24 -3.16 -30.86
N GLN A 61 17.85 -2.64 -29.69
CA GLN A 61 18.70 -2.68 -28.51
C GLN A 61 18.32 -3.82 -27.53
N VAL A 62 19.30 -4.71 -27.28
CA VAL A 62 19.14 -5.80 -26.33
C VAL A 62 19.90 -5.41 -25.06
N ASN A 63 19.38 -4.39 -24.35
CA ASN A 63 20.04 -3.90 -23.16
C ASN A 63 19.08 -3.65 -21.98
N GLY A 64 18.24 -4.64 -21.70
CA GLY A 64 17.32 -4.62 -20.57
C GLY A 64 16.08 -3.75 -20.62
N TYR A 65 15.84 -3.05 -21.73
CA TYR A 65 14.65 -2.21 -21.88
C TYR A 65 13.98 -2.65 -23.18
N PRO A 66 13.27 -3.80 -23.18
CA PRO A 66 12.73 -4.31 -24.44
C PRO A 66 11.49 -3.62 -24.99
N ASN A 67 10.77 -2.94 -24.11
CA ASN A 67 9.54 -2.25 -24.47
C ASN A 67 9.25 -1.17 -23.40
N MET A 68 8.76 0.02 -23.81
CA MET A 68 8.36 1.07 -22.86
C MET A 68 7.10 0.61 -22.04
N PHE A 69 6.24 -0.16 -22.69
CA PHE A 69 4.99 -0.72 -22.21
C PHE A 69 5.21 -2.09 -21.63
N ILE A 70 4.48 -2.39 -20.56
CA ILE A 70 4.63 -3.64 -19.86
C ILE A 70 3.32 -4.39 -19.71
N THR A 71 3.42 -5.71 -19.43
CA THR A 71 2.27 -6.57 -19.15
C THR A 71 1.59 -6.18 -17.83
N ARG A 72 0.34 -6.62 -17.65
CA ARG A 72 -0.46 -6.47 -16.43
C ARG A 72 0.23 -7.20 -15.28
N GLU A 73 0.83 -8.38 -15.54
CA GLU A 73 1.56 -9.14 -14.52
C GLU A 73 2.77 -8.34 -14.04
N GLU A 74 3.55 -7.74 -14.98
CA GLU A 74 4.69 -6.90 -14.62
C GLU A 74 4.23 -5.63 -13.87
N ALA A 75 3.06 -5.06 -14.24
CA ALA A 75 2.54 -3.88 -13.52
C ALA A 75 2.18 -4.24 -12.08
N ILE A 76 1.60 -5.42 -11.85
CA ILE A 76 1.22 -5.86 -10.51
C ILE A 76 2.47 -6.05 -9.64
N ARG A 77 3.54 -6.64 -10.21
CA ARG A 77 4.77 -6.80 -9.43
C ARG A 77 5.41 -5.45 -9.07
N HIS A 78 5.12 -4.40 -9.86
CA HIS A 78 5.70 -3.08 -9.65
C HIS A 78 4.65 -2.06 -9.27
N VAL A 79 3.64 -2.47 -8.49
CA VAL A 79 2.57 -1.58 -8.05
C VAL A 79 3.08 -0.35 -7.28
N ARG A 80 4.20 -0.45 -6.51
CA ARG A 80 4.75 0.70 -5.79
C ARG A 80 5.23 1.83 -6.70
N ALA A 81 5.52 1.50 -7.98
CA ALA A 81 5.97 2.43 -9.01
C ALA A 81 4.80 3.12 -9.73
N TRP A 82 3.53 2.71 -9.50
CA TRP A 82 2.40 3.27 -10.26
C TRP A 82 2.13 4.73 -10.01
N ILE A 83 2.10 5.50 -11.10
CA ILE A 83 1.78 6.91 -11.07
C ILE A 83 0.82 7.09 -12.23
N GLY A 84 -0.43 7.42 -11.92
CA GLY A 84 -1.42 7.71 -12.93
C GLY A 84 -1.03 8.98 -13.66
N PHE A 85 -1.19 8.98 -14.97
CA PHE A 85 -0.77 10.13 -15.75
C PHE A 85 -1.78 10.42 -16.85
N ASP A 86 -2.19 11.68 -16.93
CA ASP A 86 -3.16 12.10 -17.89
C ASP A 86 -2.80 13.46 -18.47
N VAL A 87 -3.04 13.67 -19.76
CA VAL A 87 -2.80 14.96 -20.40
C VAL A 87 -4.10 15.42 -21.03
N GLU A 88 -4.52 16.64 -20.72
CA GLU A 88 -5.72 17.23 -21.26
C GLU A 88 -5.36 18.53 -21.97
N GLY A 89 -5.69 18.64 -23.24
CA GLY A 89 -5.41 19.85 -24.01
C GLY A 89 -6.25 21.02 -23.53
N CYS A 90 -5.58 22.09 -23.00
CA CYS A 90 -6.28 23.29 -22.50
C CYS A 90 -6.94 24.05 -23.65
N HIS A 91 -6.27 24.10 -24.81
CA HIS A 91 -6.83 24.76 -25.97
C HIS A 91 -7.31 23.71 -27.01
N GLY A 98 -1.83 20.20 -29.03
CA GLY A 98 -0.90 19.53 -29.93
C GLY A 98 -0.07 20.49 -30.75
N THR A 99 1.19 20.75 -30.31
CA THR A 99 2.22 21.62 -30.89
C THR A 99 1.87 23.12 -30.82
N ASN A 100 0.58 23.47 -31.03
CA ASN A 100 0.11 24.85 -31.03
C ASN A 100 -0.60 25.22 -29.72
N LEU A 101 -1.23 24.25 -29.05
CA LEU A 101 -1.99 24.55 -27.84
C LEU A 101 -1.32 24.07 -26.52
N PRO A 102 -1.57 24.79 -25.41
CA PRO A 102 -1.00 24.38 -24.12
C PRO A 102 -1.69 23.15 -23.48
N LEU A 103 -0.90 22.26 -22.89
CA LEU A 103 -1.37 21.02 -22.28
C LEU A 103 -1.40 21.07 -20.77
N GLN A 104 -2.33 20.35 -20.15
CA GLN A 104 -2.43 20.24 -18.72
C GLN A 104 -2.02 18.82 -18.36
N LEU A 105 -0.92 18.68 -17.62
CA LEU A 105 -0.35 17.40 -17.27
C LEU A 105 -0.79 17.10 -15.88
N GLY A 106 -1.48 16.00 -15.69
CA GLY A 106 -1.97 15.61 -14.37
C GLY A 106 -1.37 14.31 -13.90
N PHE A 107 -1.06 14.24 -12.61
CA PHE A 107 -0.46 13.04 -12.03
C PHE A 107 -1.28 12.58 -10.82
N SER A 108 -1.25 11.27 -10.49
CA SER A 108 -2.03 10.77 -9.36
C SER A 108 -1.52 11.27 -7.99
N THR A 109 -0.45 12.08 -7.98
CA THR A 109 -0.01 12.78 -6.77
C THR A 109 -0.94 14.01 -6.49
N GLY A 110 -1.82 14.36 -7.43
CA GLY A 110 -2.69 15.52 -7.33
C GLY A 110 -2.11 16.75 -8.00
N VAL A 111 -0.97 16.62 -8.66
CA VAL A 111 -0.29 17.73 -9.30
C VAL A 111 -0.76 17.94 -10.73
N ASN A 112 -0.98 19.22 -11.09
CA ASN A 112 -1.36 19.64 -12.43
C ASN A 112 -0.35 20.70 -12.89
N LEU A 113 0.44 20.38 -13.91
CA LEU A 113 1.40 21.31 -14.50
C LEU A 113 0.89 21.73 -15.88
N VAL A 114 1.03 23.00 -16.24
CA VAL A 114 0.63 23.45 -17.58
C VAL A 114 1.87 23.71 -18.44
N ALA A 115 1.98 23.02 -19.59
CA ALA A 115 3.10 23.18 -20.52
C ALA A 115 2.72 23.98 -21.76
N VAL A 116 3.46 25.05 -22.05
CA VAL A 116 3.26 25.87 -23.25
C VAL A 116 4.37 25.54 -24.25
N PRO A 117 4.04 25.47 -25.54
CA PRO A 117 5.05 25.06 -26.53
C PRO A 117 5.81 26.18 -27.20
N THR A 118 5.87 27.36 -26.56
CA THR A 118 6.57 28.53 -27.11
C THR A 118 8.04 28.28 -27.48
N PRO A 147 -5.12 18.28 -6.34
CA PRO A 147 -5.72 19.40 -7.08
C PRO A 147 -4.86 20.66 -7.05
N LEU A 148 -3.53 20.50 -7.19
CA LEU A 148 -2.59 21.62 -7.18
C LEU A 148 -2.42 22.13 -8.61
N MET A 149 -2.88 23.35 -8.89
CA MET A 149 -2.85 23.96 -10.22
C MET A 149 -1.71 24.96 -10.42
N TYR A 150 -0.80 24.69 -11.38
CA TYR A 150 0.30 25.61 -11.69
C TYR A 150 0.09 26.27 -13.05
N LYS A 151 0.44 27.55 -13.19
CA LYS A 151 0.30 28.31 -14.45
C LYS A 151 1.23 27.82 -15.56
N GLY A 152 0.91 28.19 -16.82
CA GLY A 152 1.63 27.79 -18.03
C GLY A 152 3.10 28.16 -18.10
N LEU A 153 3.94 27.15 -18.34
CA LEU A 153 5.40 27.31 -18.42
C LEU A 153 5.97 26.41 -19.52
N PRO A 154 7.13 26.80 -20.11
CA PRO A 154 7.71 25.96 -21.18
C PRO A 154 8.22 24.60 -20.71
N TRP A 155 8.32 23.66 -21.64
CA TRP A 155 8.74 22.29 -21.34
C TRP A 155 10.07 22.12 -20.63
N ASN A 156 11.04 23.00 -20.92
CA ASN A 156 12.36 22.94 -20.30
C ASN A 156 12.31 23.15 -18.79
N VAL A 157 11.29 23.88 -18.27
CA VAL A 157 11.16 24.02 -16.82
C VAL A 157 10.18 22.97 -16.26
N VAL A 158 9.14 22.59 -17.03
CA VAL A 158 8.16 21.56 -16.63
C VAL A 158 8.87 20.22 -16.37
N ARG A 159 9.75 19.77 -17.29
CA ARG A 159 10.49 18.52 -17.13
C ARG A 159 11.30 18.45 -15.83
N ILE A 160 11.88 19.60 -15.37
CA ILE A 160 12.61 19.69 -14.10
C ILE A 160 11.66 19.40 -12.91
N LYS A 161 10.44 19.99 -12.93
CA LYS A 161 9.44 19.77 -11.89
C LYS A 161 8.96 18.33 -11.88
N ILE A 162 8.81 17.71 -13.08
CA ILE A 162 8.40 16.31 -13.23
C ILE A 162 9.38 15.38 -12.55
N VAL A 163 10.68 15.52 -12.85
CA VAL A 163 11.74 14.71 -12.23
C VAL A 163 11.74 14.90 -10.71
N GLN A 164 11.63 16.15 -10.23
CA GLN A 164 11.58 16.43 -8.79
C GLN A 164 10.41 15.70 -8.13
N MET A 165 9.21 15.83 -8.71
CA MET A 165 7.99 15.22 -8.21
C MET A 165 8.07 13.70 -8.17
N LEU A 166 8.47 13.05 -9.28
CA LEU A 166 8.59 11.59 -9.31
C LEU A 166 9.65 11.09 -8.34
N SER A 167 10.80 11.78 -8.24
CA SER A 167 11.87 11.37 -7.36
C SER A 167 11.49 11.44 -5.89
N ASP A 168 10.75 12.48 -5.49
CA ASP A 168 10.32 12.62 -4.10
C ASP A 168 9.26 11.59 -3.77
N THR A 169 8.34 11.31 -4.70
CA THR A 169 7.27 10.36 -4.45
C THR A 169 7.78 8.93 -4.45
N LEU A 170 8.72 8.61 -5.35
CA LEU A 170 9.15 7.24 -5.55
C LEU A 170 10.43 6.76 -4.89
N LYS A 171 11.34 7.64 -4.46
CA LYS A 171 12.64 7.21 -3.92
C LYS A 171 12.56 6.11 -2.83
N ASN A 172 11.57 6.18 -1.93
CA ASN A 172 11.44 5.18 -0.88
C ASN A 172 10.41 4.08 -1.20
N LEU A 173 9.95 4.00 -2.46
CA LEU A 173 8.95 3.03 -2.86
C LEU A 173 9.46 2.02 -3.89
N SER A 174 10.14 2.51 -4.93
CA SER A 174 10.48 1.65 -6.06
C SER A 174 11.74 2.05 -6.81
N ASP A 175 12.29 1.11 -7.60
CA ASP A 175 13.44 1.40 -8.48
C ASP A 175 13.01 1.99 -9.84
N ARG A 176 11.71 2.23 -10.06
CA ARG A 176 11.22 2.73 -11.33
C ARG A 176 9.92 3.53 -11.16
N VAL A 177 9.38 4.02 -12.28
CA VAL A 177 8.07 4.65 -12.38
C VAL A 177 7.29 3.85 -13.42
N VAL A 178 6.00 3.59 -13.17
CA VAL A 178 5.08 2.95 -14.12
C VAL A 178 3.95 3.93 -14.35
N PHE A 179 3.92 4.58 -15.51
CA PHE A 179 2.86 5.53 -15.85
C PHE A 179 1.59 4.77 -16.21
N VAL A 180 0.56 4.90 -15.35
CA VAL A 180 -0.71 4.21 -15.53
C VAL A 180 -1.63 5.13 -16.32
N LEU A 181 -1.96 4.72 -17.55
CA LEU A 181 -2.74 5.57 -18.45
C LEU A 181 -4.15 5.06 -18.81
N TRP A 182 -5.02 5.97 -19.24
CA TRP A 182 -6.31 5.68 -19.88
C TRP A 182 -6.12 6.52 -21.14
N ALA A 183 -5.24 6.01 -22.01
CA ALA A 183 -4.71 6.66 -23.18
C ALA A 183 -5.71 7.12 -24.23
N HIS A 184 -5.68 8.44 -24.51
CA HIS A 184 -6.46 9.07 -25.56
C HIS A 184 -5.62 9.77 -26.64
N GLY A 185 -4.31 9.86 -26.46
CA GLY A 185 -3.44 10.44 -27.46
C GLY A 185 -2.41 11.44 -26.97
N PHE A 186 -2.85 12.56 -26.38
CA PHE A 186 -1.93 13.59 -25.89
C PHE A 186 -0.91 13.16 -24.83
N GLU A 187 -1.24 12.19 -23.96
CA GLU A 187 -0.29 11.76 -22.93
C GLU A 187 0.90 11.05 -23.56
N LEU A 188 0.67 10.26 -24.59
CA LEU A 188 1.71 9.53 -25.31
C LEU A 188 2.55 10.46 -26.18
N THR A 189 1.90 11.39 -26.90
CA THR A 189 2.63 12.31 -27.77
C THR A 189 3.35 13.41 -26.98
N SER A 190 3.07 13.58 -25.70
CA SER A 190 3.80 14.56 -24.89
C SER A 190 5.00 13.94 -24.15
N MET A 191 5.16 12.60 -24.20
CA MET A 191 6.24 11.93 -23.48
C MET A 191 7.63 12.30 -23.97
N LYS A 192 7.79 12.55 -25.26
CA LYS A 192 9.07 12.95 -25.84
C LYS A 192 9.64 14.25 -25.26
N TYR A 193 8.78 15.08 -24.65
CA TYR A 193 9.20 16.34 -24.06
C TYR A 193 9.82 16.20 -22.69
N PHE A 194 9.63 15.05 -22.00
CA PHE A 194 10.22 14.85 -20.68
C PHE A 194 10.87 13.47 -20.50
N VAL A 195 10.83 12.60 -21.51
CA VAL A 195 11.37 11.25 -21.40
C VAL A 195 12.52 10.98 -22.39
N LYS A 196 13.60 10.36 -21.90
CA LYS A 196 14.69 9.85 -22.73
C LYS A 196 14.77 8.34 -22.48
N ILE A 197 15.03 7.56 -23.53
CA ILE A 197 15.16 6.11 -23.40
C ILE A 197 16.55 5.63 -23.91
N GLY A 198 16.89 4.39 -23.64
CA GLY A 198 18.16 3.81 -24.06
C GLY A 198 18.46 2.54 -23.31
N PRO A 199 19.74 2.15 -23.26
CA PRO A 199 20.09 0.95 -22.49
C PRO A 199 19.91 1.13 -20.98
N GLU A 200 19.73 0.02 -20.25
CA GLU A 200 19.61 0.09 -18.80
C GLU A 200 20.95 0.55 -18.22
N ARG A 201 20.90 1.54 -17.35
CA ARG A 201 22.09 2.12 -16.76
C ARG A 201 22.06 2.10 -15.25
N THR A 202 23.18 2.46 -14.62
CA THR A 202 23.22 2.58 -13.18
C THR A 202 23.40 4.06 -12.80
N CYS A 203 23.14 4.37 -11.53
CA CYS A 203 23.28 5.73 -11.02
C CYS A 203 24.76 6.14 -11.03
N CYS A 204 25.04 7.43 -11.26
CA CYS A 204 26.40 7.93 -11.23
C CYS A 204 26.94 7.92 -9.78
N LEU A 205 26.08 8.16 -8.79
CA LEU A 205 26.45 8.19 -7.38
C LEU A 205 26.22 6.89 -6.58
N CYS A 206 25.47 5.90 -7.10
CA CYS A 206 25.23 4.65 -6.38
C CYS A 206 24.96 3.43 -7.32
N ASP A 207 24.61 2.27 -6.74
CA ASP A 207 24.42 1.03 -7.50
C ASP A 207 23.01 0.82 -8.05
N ARG A 208 22.05 1.66 -7.68
CA ARG A 208 20.68 1.54 -8.15
C ARG A 208 20.54 1.83 -9.63
N ARG A 209 19.50 1.27 -10.28
CA ARG A 209 19.31 1.54 -11.71
C ARG A 209 18.96 3.03 -11.92
N ALA A 210 19.34 3.56 -13.09
CA ALA A 210 19.08 4.94 -13.41
C ALA A 210 17.60 5.12 -13.79
N THR A 211 16.97 6.14 -13.22
CA THR A 211 15.58 6.51 -13.51
C THR A 211 15.47 7.95 -14.07
N CYS A 212 16.58 8.71 -14.09
CA CYS A 212 16.66 10.11 -14.53
C CYS A 212 17.93 10.34 -15.37
N PHE A 213 17.93 11.41 -16.16
CA PHE A 213 19.05 11.80 -16.98
C PHE A 213 19.22 13.32 -16.88
N SER A 214 20.46 13.80 -16.97
CA SER A 214 20.71 15.22 -16.96
C SER A 214 21.37 15.65 -18.24
N THR A 215 20.75 16.59 -19.00
CA THR A 215 21.41 17.13 -20.20
C THR A 215 22.52 18.13 -19.84
N ALA A 216 22.54 18.67 -18.61
CA ALA A 216 23.58 19.59 -18.15
C ALA A 216 24.90 18.87 -17.90
N SER A 217 24.87 17.72 -17.20
CA SER A 217 26.09 16.98 -16.92
C SER A 217 26.29 15.73 -17.78
N ASP A 218 25.33 15.39 -18.65
CA ASP A 218 25.43 14.16 -19.47
C ASP A 218 25.53 12.89 -18.58
N THR A 219 24.92 12.92 -17.39
CA THR A 219 24.98 11.81 -16.43
C THR A 219 23.58 11.22 -16.11
N TYR A 220 23.56 10.09 -15.41
CA TYR A 220 22.36 9.35 -15.06
C TYR A 220 22.25 9.16 -13.55
N ALA A 221 21.04 9.25 -13.00
CA ALA A 221 20.85 9.08 -11.57
C ALA A 221 19.60 8.31 -11.21
N CYS A 222 19.58 7.70 -10.01
CA CYS A 222 18.41 7.03 -9.48
C CYS A 222 17.46 8.12 -8.85
N TRP A 223 16.34 7.72 -8.18
CA TRP A 223 15.44 8.70 -7.57
C TRP A 223 16.06 9.43 -6.37
N HIS A 224 17.09 8.82 -5.72
CA HIS A 224 17.75 9.43 -4.56
C HIS A 224 18.80 10.48 -4.92
N HIS A 225 19.35 10.43 -6.15
CA HIS A 225 20.46 11.30 -6.53
C HIS A 225 20.21 12.20 -7.73
N SER A 226 18.95 12.46 -8.03
CA SER A 226 18.56 13.17 -9.22
C SER A 226 18.32 14.67 -9.08
N ILE A 227 18.77 15.32 -7.99
CA ILE A 227 18.53 16.75 -7.81
C ILE A 227 19.11 17.56 -8.97
N GLY A 228 18.28 18.37 -9.58
CA GLY A 228 18.70 19.16 -10.74
C GLY A 228 18.68 18.39 -12.05
N PHE A 229 18.12 17.16 -12.07
CA PHE A 229 18.06 16.38 -13.32
C PHE A 229 16.80 16.78 -14.10
N ASP A 230 16.86 16.78 -15.44
CA ASP A 230 15.75 17.28 -16.25
C ASP A 230 14.99 16.23 -17.05
N TYR A 231 15.49 14.99 -17.22
CA TYR A 231 14.76 14.00 -18.00
C TYR A 231 14.43 12.74 -17.24
N VAL A 232 13.27 12.14 -17.52
CA VAL A 232 12.88 10.87 -16.94
C VAL A 232 13.52 9.82 -17.86
N TYR A 233 14.31 8.93 -17.28
CA TYR A 233 15.01 7.92 -18.06
C TYR A 233 14.43 6.51 -17.94
N ASN A 234 14.16 5.88 -19.09
CA ASN A 234 13.64 4.51 -19.16
C ASN A 234 12.42 4.26 -18.27
N PRO A 235 11.36 5.10 -18.37
CA PRO A 235 10.16 4.83 -17.58
C PRO A 235 9.36 3.67 -18.17
N PHE A 236 8.35 3.20 -17.43
CA PHE A 236 7.45 2.16 -17.93
C PHE A 236 6.04 2.73 -17.99
N MET A 237 5.16 2.03 -18.69
CA MET A 237 3.78 2.46 -18.84
C MET A 237 2.89 1.32 -19.20
N ILE A 238 1.62 1.49 -18.86
CA ILE A 238 0.58 0.53 -19.14
C ILE A 238 -0.70 1.28 -19.45
N ASP A 239 -1.34 0.93 -20.57
CA ASP A 239 -2.60 1.55 -20.94
C ASP A 239 -3.74 0.65 -20.47
N VAL A 240 -4.52 1.15 -19.48
CA VAL A 240 -5.68 0.47 -18.87
C VAL A 240 -6.77 0.18 -19.93
N GLN A 241 -6.93 1.07 -20.91
CA GLN A 241 -7.90 0.84 -21.99
C GLN A 241 -7.62 -0.42 -22.79
N GLN A 242 -6.42 -0.99 -22.70
CA GLN A 242 -6.11 -2.24 -23.41
C GLN A 242 -6.71 -3.46 -22.73
N TRP A 243 -7.20 -3.34 -21.50
CA TRP A 243 -7.72 -4.45 -20.75
C TRP A 243 -9.15 -4.85 -21.12
N GLY A 244 -9.81 -4.10 -21.98
CA GLY A 244 -11.14 -4.45 -22.45
C GLY A 244 -12.24 -3.86 -21.62
N PHE A 245 -12.57 -2.60 -21.89
CA PHE A 245 -13.61 -1.91 -21.14
C PHE A 245 -14.65 -1.32 -22.07
N THR A 246 -15.88 -1.22 -21.58
CA THR A 246 -16.96 -0.59 -22.32
C THR A 246 -17.21 0.74 -21.65
N GLY A 247 -17.21 1.82 -22.42
CA GLY A 247 -17.46 3.15 -21.87
C GLY A 247 -16.21 3.89 -21.44
N ASN A 248 -16.41 5.15 -21.05
CA ASN A 248 -15.32 6.03 -20.67
C ASN A 248 -14.74 5.72 -19.27
N LEU A 249 -13.63 6.34 -18.89
CA LEU A 249 -12.98 6.15 -17.58
C LEU A 249 -13.92 6.41 -16.41
N GLN A 250 -14.58 7.57 -16.37
CA GLN A 250 -15.42 7.91 -15.22
C GLN A 250 -16.52 6.90 -14.95
N SER A 251 -17.17 6.39 -16.01
CA SER A 251 -18.23 5.40 -15.85
C SER A 251 -17.72 4.06 -15.29
N ASN A 252 -16.50 3.62 -15.68
CA ASN A 252 -15.95 2.38 -15.15
C ASN A 252 -15.40 2.57 -13.73
N HIS A 253 -14.79 3.74 -13.46
CA HIS A 253 -14.25 4.03 -12.14
C HIS A 253 -15.38 4.13 -11.13
N ASP A 254 -16.46 4.88 -11.47
CA ASP A 254 -17.59 5.13 -10.58
C ASP A 254 -18.38 3.88 -10.23
N LEU A 255 -18.27 2.79 -11.00
CA LEU A 255 -18.90 1.51 -10.68
C LEU A 255 -18.37 0.96 -9.34
N TYR A 256 -17.12 1.30 -8.98
CA TYR A 256 -16.46 0.76 -7.79
C TYR A 256 -16.03 1.79 -6.77
N CYS A 257 -15.96 3.08 -7.12
CA CYS A 257 -15.43 4.06 -6.18
C CYS A 257 -16.21 5.36 -6.12
N GLN A 258 -16.54 5.77 -4.90
CA GLN A 258 -17.25 7.04 -4.62
C GLN A 258 -16.35 8.13 -4.02
N VAL A 259 -15.13 7.77 -3.59
CA VAL A 259 -14.21 8.67 -2.92
C VAL A 259 -13.52 9.66 -3.89
N HIS A 260 -13.20 9.23 -5.11
CA HIS A 260 -12.57 10.12 -6.07
C HIS A 260 -13.62 10.69 -6.96
N GLY A 261 -13.64 12.01 -7.04
CA GLY A 261 -14.61 12.70 -7.88
C GLY A 261 -13.98 13.19 -9.17
N ASN A 262 -14.79 13.81 -10.03
CA ASN A 262 -14.28 14.35 -11.27
C ASN A 262 -14.44 15.86 -11.36
N ALA A 263 -13.35 16.61 -11.14
CA ALA A 263 -13.40 18.07 -11.28
C ALA A 263 -13.14 18.52 -12.73
N HIS A 264 -12.86 17.56 -13.66
CA HIS A 264 -12.54 17.75 -15.08
C HIS A 264 -11.08 18.26 -15.33
N VAL A 265 -10.24 18.21 -14.28
CA VAL A 265 -8.82 18.53 -14.37
C VAL A 265 -8.04 17.22 -14.57
N ALA A 266 -6.89 17.29 -15.22
CA ALA A 266 -6.07 16.14 -15.55
C ALA A 266 -5.64 15.27 -14.35
N SER A 267 -5.39 15.87 -13.19
CA SER A 267 -5.00 15.10 -12.00
C SER A 267 -6.14 14.21 -11.53
N CYS A 268 -7.40 14.66 -11.68
CA CYS A 268 -8.58 13.88 -11.31
C CYS A 268 -8.66 12.59 -12.13
N ASP A 269 -8.40 12.68 -13.44
CA ASP A 269 -8.43 11.54 -14.35
C ASP A 269 -7.26 10.59 -14.03
N ALA A 270 -6.08 11.15 -13.71
CA ALA A 270 -4.88 10.40 -13.38
C ALA A 270 -5.11 9.57 -12.09
N ILE A 271 -5.84 10.13 -11.14
CA ILE A 271 -6.21 9.48 -9.89
C ILE A 271 -7.24 8.37 -10.13
N MET A 272 -8.32 8.65 -10.90
CA MET A 272 -9.34 7.67 -11.26
C MET A 272 -8.74 6.47 -12.04
N THR A 273 -7.71 6.72 -12.89
CA THR A 273 -7.04 5.70 -13.71
C THR A 273 -6.30 4.69 -12.83
N ARG A 274 -5.41 5.19 -11.93
CA ARG A 274 -4.65 4.36 -11.00
C ARG A 274 -5.62 3.62 -10.06
N CYS A 275 -6.70 4.29 -9.61
CA CYS A 275 -7.70 3.67 -8.76
C CYS A 275 -8.37 2.49 -9.48
N LEU A 276 -8.79 2.71 -10.74
CA LEU A 276 -9.43 1.65 -11.52
C LEU A 276 -8.47 0.49 -11.73
N ALA A 277 -7.19 0.80 -12.03
CA ALA A 277 -6.14 -0.20 -12.20
C ALA A 277 -5.95 -1.02 -10.90
N VAL A 278 -5.94 -0.37 -9.71
CA VAL A 278 -5.81 -1.02 -8.40
C VAL A 278 -7.06 -1.91 -8.10
N HIS A 279 -8.26 -1.45 -8.51
CA HIS A 279 -9.46 -2.25 -8.31
C HIS A 279 -9.38 -3.54 -9.15
N GLU A 280 -8.93 -3.42 -10.42
CA GLU A 280 -8.82 -4.55 -11.32
C GLU A 280 -7.78 -5.58 -10.92
N CYS A 281 -6.66 -5.11 -10.38
CA CYS A 281 -5.53 -5.97 -10.09
C CYS A 281 -5.45 -6.42 -8.65
N PHE A 282 -6.14 -5.75 -7.70
CA PHE A 282 -6.00 -6.09 -6.27
C PHE A 282 -7.31 -6.25 -5.51
N VAL A 283 -8.41 -5.70 -6.02
CA VAL A 283 -9.70 -5.81 -5.33
C VAL A 283 -10.47 -7.04 -5.88
N LYS A 284 -10.77 -7.05 -7.19
CA LYS A 284 -11.51 -8.16 -7.79
C LYS A 284 -10.59 -9.36 -8.04
N ARG A 285 -9.35 -9.11 -8.45
CA ARG A 285 -8.38 -10.18 -8.65
C ARG A 285 -7.37 -10.08 -7.51
N VAL A 286 -7.16 -11.17 -6.76
CA VAL A 286 -6.23 -11.16 -5.64
C VAL A 286 -5.14 -12.22 -5.84
N ASP A 287 -3.86 -11.84 -5.64
CA ASP A 287 -2.78 -12.80 -5.79
C ASP A 287 -1.83 -12.78 -4.58
N TRP A 288 -1.96 -13.77 -3.69
CA TRP A 288 -1.08 -13.85 -2.52
C TRP A 288 0.20 -14.70 -2.78
N THR A 289 0.52 -14.96 -4.04
CA THR A 289 1.75 -15.65 -4.41
C THR A 289 2.82 -14.64 -4.91
N ILE A 290 2.50 -13.34 -4.96
CA ILE A 290 3.44 -12.33 -5.40
C ILE A 290 4.14 -11.73 -4.22
N GLU A 291 5.44 -11.94 -4.18
CA GLU A 291 6.32 -11.40 -3.18
C GLU A 291 6.72 -9.98 -3.58
N TYR A 292 7.02 -9.14 -2.61
CA TYR A 292 7.44 -7.75 -2.86
C TYR A 292 8.68 -7.47 -2.02
N PRO A 293 9.67 -6.76 -2.58
CA PRO A 293 10.91 -6.50 -1.83
C PRO A 293 10.76 -5.74 -0.51
N ILE A 294 11.81 -5.79 0.34
CA ILE A 294 11.79 -5.06 1.60
C ILE A 294 12.25 -3.64 1.33
N ILE A 295 11.44 -2.65 1.66
CA ILE A 295 11.79 -1.25 1.47
C ILE A 295 11.78 -0.42 2.79
N GLY A 296 11.39 -1.04 3.91
CA GLY A 296 11.28 -0.37 5.19
C GLY A 296 11.37 -1.30 6.38
N ASP A 297 10.48 -1.08 7.37
CA ASP A 297 10.50 -1.84 8.62
C ASP A 297 9.62 -3.08 8.58
N GLU A 298 9.42 -3.67 7.39
CA GLU A 298 8.59 -4.86 7.21
C GLU A 298 8.80 -5.96 8.25
N LEU A 299 10.02 -6.46 8.42
CA LEU A 299 10.30 -7.55 9.34
C LEU A 299 10.03 -7.21 10.79
N LYS A 300 10.37 -5.97 11.20
CA LYS A 300 10.20 -5.50 12.56
C LYS A 300 8.74 -5.36 12.91
N ILE A 301 7.92 -4.87 11.96
CA ILE A 301 6.48 -4.67 12.12
C ILE A 301 5.80 -6.04 12.26
N ASN A 302 6.16 -7.00 11.37
CA ASN A 302 5.58 -8.34 11.45
C ASN A 302 5.94 -9.08 12.76
N ALA A 303 7.16 -8.88 13.26
CA ALA A 303 7.63 -9.46 14.52
C ALA A 303 6.92 -8.81 15.69
N ALA A 304 6.74 -7.49 15.63
CA ALA A 304 6.06 -6.71 16.65
C ALA A 304 4.61 -7.16 16.74
N CYS A 305 3.95 -7.38 15.59
CA CYS A 305 2.57 -7.82 15.47
C CYS A 305 2.38 -9.16 16.18
N ARG A 306 3.34 -10.09 15.98
CA ARG A 306 3.29 -11.41 16.61
C ARG A 306 3.49 -11.27 18.14
N LYS A 307 4.35 -10.34 18.59
CA LYS A 307 4.58 -10.13 20.01
C LYS A 307 3.37 -9.52 20.69
N VAL A 308 2.73 -8.54 20.02
CA VAL A 308 1.55 -7.89 20.57
C VAL A 308 0.38 -8.85 20.64
N GLN A 309 0.15 -9.66 19.59
CA GLN A 309 -0.92 -10.64 19.60
C GLN A 309 -0.81 -11.62 20.76
N HIS A 310 0.38 -12.21 20.95
CA HIS A 310 0.60 -13.13 22.07
C HIS A 310 0.32 -12.44 23.43
N MET A 311 0.86 -11.23 23.62
CA MET A 311 0.72 -10.45 24.84
C MET A 311 -0.75 -10.15 25.19
N VAL A 312 -1.48 -9.56 24.25
CA VAL A 312 -2.86 -9.16 24.43
C VAL A 312 -3.80 -10.35 24.64
N VAL A 313 -3.62 -11.42 23.87
CA VAL A 313 -4.47 -12.59 23.99
C VAL A 313 -4.17 -13.33 25.30
N LYS A 314 -2.89 -13.50 25.66
CA LYS A 314 -2.51 -14.15 26.92
C LYS A 314 -3.12 -13.43 28.14
N ALA A 315 -3.07 -12.09 28.15
CA ALA A 315 -3.59 -11.29 29.24
C ALA A 315 -5.07 -11.32 29.32
N ALA A 316 -5.78 -11.39 28.20
CA ALA A 316 -7.26 -11.45 28.20
C ALA A 316 -7.75 -12.78 28.79
N LEU A 317 -7.06 -13.87 28.45
CA LEU A 317 -7.38 -15.18 28.96
C LEU A 317 -7.06 -15.31 30.45
N LEU A 318 -6.09 -14.56 30.96
CA LEU A 318 -5.75 -14.58 32.39
C LEU A 318 -6.70 -13.69 33.17
N ALA A 319 -7.05 -12.51 32.61
CA ALA A 319 -7.92 -11.55 33.30
C ALA A 319 -9.36 -12.00 33.38
N ASP A 320 -9.90 -12.56 32.28
CA ASP A 320 -11.30 -12.95 32.25
C ASP A 320 -11.56 -14.45 32.15
N LYS A 321 -10.50 -15.28 32.10
CA LYS A 321 -10.62 -16.75 32.12
C LYS A 321 -11.72 -17.34 31.20
N PHE A 322 -11.82 -16.88 29.95
CA PHE A 322 -12.83 -17.39 29.02
C PHE A 322 -12.64 -18.89 28.80
N PRO A 323 -13.73 -19.68 28.76
CA PRO A 323 -13.58 -21.12 28.52
C PRO A 323 -13.33 -21.48 27.04
N VAL A 324 -13.73 -20.60 26.12
CA VAL A 324 -13.57 -20.86 24.69
C VAL A 324 -13.12 -19.60 23.95
N LEU A 325 -12.23 -19.74 22.97
CA LEU A 325 -11.78 -18.63 22.15
C LEU A 325 -12.10 -18.98 20.68
N HIS A 326 -12.81 -18.07 19.98
CA HIS A 326 -13.18 -18.22 18.57
C HIS A 326 -12.23 -17.36 17.79
N ASP A 327 -11.33 -18.00 17.04
CA ASP A 327 -10.29 -17.36 16.24
C ASP A 327 -10.78 -17.24 14.79
N ILE A 328 -11.26 -16.05 14.40
CA ILE A 328 -11.80 -15.82 13.07
C ILE A 328 -10.79 -15.13 12.16
N GLY A 329 -10.40 -15.81 11.09
CA GLY A 329 -9.47 -15.23 10.12
C GLY A 329 -8.61 -16.24 9.41
N ASN A 330 -7.31 -15.94 9.27
CA ASN A 330 -6.30 -16.76 8.62
C ASN A 330 -6.54 -18.27 8.59
N PRO A 331 -6.85 -18.86 7.43
CA PRO A 331 -7.01 -20.32 7.39
C PRO A 331 -5.73 -21.08 7.83
N LYS A 332 -4.55 -20.42 7.76
CA LYS A 332 -3.29 -21.01 8.19
C LYS A 332 -2.85 -20.57 9.59
N ALA A 333 -3.77 -20.05 10.41
CA ALA A 333 -3.41 -19.58 11.75
C ALA A 333 -3.02 -20.68 12.74
N ILE A 334 -2.13 -20.31 13.65
CA ILE A 334 -1.60 -21.11 14.74
C ILE A 334 -2.07 -20.44 16.04
N LYS A 335 -2.27 -21.22 17.14
CA LYS A 335 -2.64 -20.65 18.44
C LYS A 335 -1.55 -19.66 18.89
N CYS A 336 -1.89 -18.37 19.06
CA CYS A 336 -0.89 -17.37 19.45
C CYS A 336 -0.42 -17.55 20.90
N VAL A 337 -1.25 -18.19 21.76
CA VAL A 337 -0.92 -18.51 23.15
C VAL A 337 -1.03 -20.05 23.30
N PRO A 338 -0.01 -20.79 22.84
CA PRO A 338 -0.09 -22.27 22.83
C PRO A 338 -0.23 -22.97 24.19
N GLN A 339 0.14 -22.28 25.27
CA GLN A 339 0.04 -22.89 26.59
C GLN A 339 -1.26 -22.57 27.33
N ALA A 340 -2.15 -21.71 26.76
CA ALA A 340 -3.41 -21.35 27.41
C ALA A 340 -4.36 -22.52 27.58
N ASP A 341 -5.09 -22.54 28.71
CA ASP A 341 -6.04 -23.60 29.04
C ASP A 341 -7.27 -23.67 28.12
N VAL A 342 -7.71 -22.53 27.59
CA VAL A 342 -8.87 -22.30 26.73
C VAL A 342 -9.06 -23.30 25.55
N GLU A 343 -10.33 -23.52 25.18
CA GLU A 343 -10.69 -24.35 24.04
C GLU A 343 -10.54 -23.46 22.80
N TRP A 344 -9.56 -23.77 21.95
CA TRP A 344 -9.26 -22.96 20.78
C TRP A 344 -9.97 -23.47 19.53
N LYS A 345 -10.90 -22.67 19.01
CA LYS A 345 -11.68 -23.03 17.82
C LYS A 345 -11.40 -22.06 16.68
N PHE A 346 -10.99 -22.57 15.53
CA PHE A 346 -10.62 -21.78 14.34
C PHE A 346 -11.71 -21.69 13.28
N TYR A 347 -11.82 -20.52 12.65
CA TYR A 347 -12.80 -20.24 11.60
C TYR A 347 -12.04 -19.55 10.49
N ASP A 348 -12.10 -20.10 9.28
CA ASP A 348 -11.35 -19.60 8.13
C ASP A 348 -12.06 -18.49 7.39
N ALA A 349 -11.32 -17.41 7.17
CA ALA A 349 -11.76 -16.29 6.40
C ALA A 349 -10.51 -15.63 5.85
N GLN A 350 -10.39 -15.56 4.54
CA GLN A 350 -9.28 -14.88 3.89
C GLN A 350 -9.40 -13.35 4.11
N PRO A 351 -8.32 -12.55 3.92
CA PRO A 351 -8.47 -11.09 4.13
C PRO A 351 -9.45 -10.52 3.12
N CYS A 352 -10.43 -9.72 3.58
CA CYS A 352 -11.39 -9.13 2.65
C CYS A 352 -10.73 -7.94 1.97
N SER A 353 -10.75 -7.91 0.64
CA SER A 353 -10.11 -6.82 -0.09
C SER A 353 -11.09 -5.82 -0.71
N ASP A 354 -12.39 -6.14 -0.70
CA ASP A 354 -13.38 -5.26 -1.30
C ASP A 354 -14.12 -4.54 -0.16
N LYS A 355 -15.25 -5.07 0.32
CA LYS A 355 -15.95 -4.50 1.46
C LYS A 355 -15.66 -5.38 2.69
N ALA A 356 -15.73 -4.81 3.90
CA ALA A 356 -15.52 -5.57 5.15
C ALA A 356 -16.58 -6.65 5.27
N TYR A 357 -16.22 -7.79 5.87
CA TYR A 357 -17.18 -8.89 6.04
C TYR A 357 -18.39 -8.47 6.85
N LYS A 358 -19.57 -8.99 6.53
CA LYS A 358 -20.75 -8.72 7.33
C LYS A 358 -20.73 -9.79 8.44
N ILE A 359 -20.76 -9.35 9.72
CA ILE A 359 -20.73 -10.28 10.85
C ILE A 359 -21.89 -11.31 10.78
N GLU A 360 -23.01 -10.95 10.15
CA GLU A 360 -24.16 -11.82 9.98
C GLU A 360 -23.81 -13.00 9.05
N GLU A 361 -22.97 -12.77 8.02
CA GLU A 361 -22.59 -13.87 7.12
C GLU A 361 -21.45 -14.71 7.70
N LEU A 362 -20.57 -14.11 8.53
CA LEU A 362 -19.47 -14.88 9.14
C LEU A 362 -19.99 -15.82 10.22
N PHE A 363 -20.97 -15.36 11.00
CA PHE A 363 -21.50 -16.08 12.15
C PHE A 363 -22.78 -16.81 11.96
N TYR A 364 -23.68 -16.31 11.10
CA TYR A 364 -25.01 -16.93 10.99
C TYR A 364 -25.22 -17.67 9.66
N SER A 365 -26.15 -18.64 9.72
CA SER A 365 -26.58 -19.64 8.72
C SER A 365 -26.19 -21.06 9.21
N TYR A 366 -26.30 -21.27 10.55
CA TYR A 366 -26.02 -22.50 11.28
C TYR A 366 -24.56 -22.95 11.17
N HIS A 369 -18.06 -25.81 14.44
CA HIS A 369 -18.26 -24.55 15.16
C HIS A 369 -18.90 -24.78 16.50
N SER A 370 -18.55 -23.93 17.48
CA SER A 370 -19.25 -23.99 18.77
C SER A 370 -20.73 -23.56 18.56
N ASP A 371 -21.00 -22.76 17.47
CA ASP A 371 -22.27 -22.16 17.05
C ASP A 371 -22.47 -20.89 17.90
N LYS A 372 -22.26 -21.01 19.22
CA LYS A 372 -22.37 -19.88 20.13
C LYS A 372 -21.08 -19.05 20.18
N PHE A 373 -21.02 -18.01 19.34
CA PHE A 373 -19.90 -17.07 19.35
C PHE A 373 -19.97 -16.14 20.60
N THR A 374 -21.15 -16.01 21.22
CA THR A 374 -21.43 -15.27 22.46
C THR A 374 -20.74 -15.91 23.68
N ASP A 375 -20.36 -17.19 23.59
CA ASP A 375 -19.63 -17.92 24.61
C ASP A 375 -18.17 -17.56 24.48
N GLY A 376 -17.53 -17.20 25.59
CA GLY A 376 -16.12 -16.86 25.60
C GLY A 376 -15.74 -15.61 24.82
N VAL A 377 -14.60 -15.64 24.13
CA VAL A 377 -14.12 -14.47 23.42
C VAL A 377 -13.89 -14.74 21.93
N CYS A 378 -13.98 -13.70 21.12
CA CYS A 378 -13.72 -13.77 19.70
C CYS A 378 -12.47 -12.99 19.42
N LEU A 379 -11.56 -13.54 18.63
CA LEU A 379 -10.33 -12.91 18.24
C LEU A 379 -10.39 -12.62 16.74
N PHE A 380 -10.36 -11.34 16.36
CA PHE A 380 -10.36 -10.90 14.96
C PHE A 380 -9.03 -10.20 14.69
N TRP A 381 -7.99 -10.98 14.42
CA TRP A 381 -6.66 -10.41 14.18
C TRP A 381 -6.47 -10.18 12.69
N ASN A 382 -6.75 -8.94 12.29
CA ASN A 382 -6.76 -8.48 10.90
C ASN A 382 -7.88 -9.12 10.08
N CYS A 383 -9.00 -9.50 10.73
CA CYS A 383 -10.18 -10.04 10.03
C CYS A 383 -11.21 -8.91 10.06
N ASN A 384 -11.21 -8.04 9.03
CA ASN A 384 -12.01 -6.82 8.98
C ASN A 384 -13.53 -7.07 8.80
N VAL A 385 -14.32 -6.74 9.84
CA VAL A 385 -15.78 -6.94 9.78
C VAL A 385 -16.54 -5.59 9.94
N ASP A 386 -17.81 -5.56 9.52
CA ASP A 386 -18.61 -4.33 9.57
C ASP A 386 -18.89 -3.82 11.02
N ARG A 387 -19.08 -4.74 11.97
CA ARG A 387 -19.35 -4.42 13.36
C ARG A 387 -18.95 -5.61 14.20
N TYR A 388 -17.98 -5.41 15.07
CA TYR A 388 -17.50 -6.50 15.92
C TYR A 388 -18.45 -6.76 17.07
N PRO A 389 -18.59 -8.04 17.46
CA PRO A 389 -19.40 -8.35 18.65
C PRO A 389 -18.74 -7.76 19.90
N ALA A 390 -19.50 -7.53 20.96
CA ALA A 390 -18.95 -6.99 22.22
C ALA A 390 -17.86 -7.82 22.86
N ASN A 391 -17.90 -9.16 22.72
CA ASN A 391 -16.88 -10.03 23.36
C ASN A 391 -15.65 -10.28 22.45
N SER A 392 -15.05 -9.20 21.91
CA SER A 392 -13.94 -9.35 20.98
C SER A 392 -12.62 -8.74 21.42
N ILE A 393 -11.51 -9.30 20.89
CA ILE A 393 -10.10 -8.88 20.89
C ILE A 393 -9.88 -8.60 19.40
N VAL A 394 -9.49 -7.36 19.05
CA VAL A 394 -9.41 -6.97 17.64
C VAL A 394 -8.16 -6.21 17.25
N CYS A 395 -7.55 -6.57 16.10
CA CYS A 395 -6.50 -5.81 15.48
C CYS A 395 -7.07 -5.37 14.12
N ARG A 396 -7.20 -4.06 13.90
CA ARG A 396 -7.73 -3.52 12.65
C ARG A 396 -6.74 -2.51 12.04
N PHE A 397 -6.33 -2.72 10.79
CA PHE A 397 -5.40 -1.84 10.10
C PHE A 397 -6.13 -0.56 9.68
N ASP A 398 -5.54 0.60 10.03
CA ASP A 398 -6.11 1.91 9.70
C ASP A 398 -5.58 2.33 8.34
N THR A 399 -6.44 2.25 7.32
CA THR A 399 -6.13 2.56 5.93
C THR A 399 -5.66 4.02 5.73
N ARG A 400 -6.03 4.93 6.64
CA ARG A 400 -5.64 6.33 6.52
C ARG A 400 -4.18 6.58 6.90
N VAL A 401 -3.45 5.59 7.43
CA VAL A 401 -2.07 5.77 7.86
C VAL A 401 -1.15 6.14 6.72
N LEU A 402 -0.22 7.09 6.97
CA LEU A 402 0.77 7.51 5.98
C LEU A 402 2.08 6.75 6.22
N SER A 403 2.49 5.93 5.24
CA SER A 403 3.74 5.17 5.31
C SER A 403 4.20 4.72 3.91
N ASN A 404 5.47 4.31 3.77
CA ASN A 404 5.98 3.77 2.51
C ASN A 404 5.34 2.40 2.16
N LEU A 405 4.70 1.72 3.14
CA LEU A 405 4.02 0.43 2.92
C LEU A 405 2.58 0.62 2.45
N ASN A 406 1.93 1.71 2.83
CA ASN A 406 0.54 1.95 2.49
C ASN A 406 0.38 2.87 1.28
N LEU A 407 -0.17 2.34 0.21
CA LEU A 407 -0.39 3.08 -1.01
C LEU A 407 -1.88 3.41 -1.10
N PRO A 408 -2.23 4.57 -1.72
CA PRO A 408 -3.66 4.92 -1.90
C PRO A 408 -4.43 3.80 -2.63
N GLY A 409 -5.63 3.54 -2.17
CA GLY A 409 -6.44 2.46 -2.71
C GLY A 409 -7.73 2.88 -3.36
N CYS A 410 -8.66 1.92 -3.44
N CYS A 410 -8.67 1.93 -3.40
CA CYS A 410 -9.96 2.07 -4.09
CA CYS A 410 -9.98 2.14 -4.01
C CYS A 410 -11.12 2.21 -3.09
C CYS A 410 -11.08 2.31 -3.01
N ASP A 411 -12.01 3.22 -3.32
CA ASP A 411 -13.18 3.49 -2.50
C ASP A 411 -12.90 3.73 -1.00
N GLY A 412 -11.88 4.52 -0.69
CA GLY A 412 -11.47 4.81 0.69
C GLY A 412 -10.50 3.82 1.28
N GLY A 413 -10.38 2.63 0.69
CA GLY A 413 -9.48 1.61 1.16
C GLY A 413 -8.05 1.90 0.80
N SER A 414 -7.13 1.03 1.22
CA SER A 414 -5.71 1.25 0.95
C SER A 414 -5.02 0.00 0.55
N LEU A 415 -3.93 0.11 -0.21
CA LEU A 415 -3.17 -1.04 -0.64
C LEU A 415 -1.98 -1.17 0.28
N TYR A 416 -2.06 -2.10 1.23
CA TYR A 416 -0.97 -2.32 2.18
C TYR A 416 -0.03 -3.36 1.62
N VAL A 417 1.22 -2.97 1.36
CA VAL A 417 2.20 -3.88 0.77
C VAL A 417 3.34 -4.24 1.74
N ASN A 418 3.31 -5.44 2.32
CA ASN A 418 4.31 -5.90 3.27
C ASN A 418 4.47 -7.39 2.98
N LYS A 419 5.47 -7.70 2.12
CA LYS A 419 5.79 -9.02 1.59
C LYS A 419 4.76 -9.40 0.53
N HIS A 420 3.48 -9.18 0.83
CA HIS A 420 2.38 -9.41 -0.08
C HIS A 420 1.55 -8.12 -0.20
N ALA A 421 0.68 -8.05 -1.21
CA ALA A 421 -0.16 -6.88 -1.40
C ALA A 421 -1.57 -7.21 -0.91
N PHE A 422 -2.08 -6.39 0.00
CA PHE A 422 -3.38 -6.57 0.59
C PHE A 422 -4.19 -5.30 0.46
N HIS A 423 -5.20 -5.31 -0.43
CA HIS A 423 -6.09 -4.17 -0.53
C HIS A 423 -7.03 -4.29 0.68
N THR A 424 -7.11 -3.22 1.51
CA THR A 424 -7.88 -3.26 2.75
C THR A 424 -9.02 -2.29 2.66
N PRO A 425 -10.23 -2.73 3.07
CA PRO A 425 -11.38 -1.81 3.04
C PRO A 425 -11.20 -0.61 3.96
N ALA A 426 -11.85 0.51 3.64
CA ALA A 426 -11.76 1.74 4.39
C ALA A 426 -12.01 1.54 5.87
N PHE A 427 -11.10 2.10 6.70
CA PHE A 427 -11.23 2.11 8.15
C PHE A 427 -12.54 2.85 8.51
N ASP A 428 -13.34 2.26 9.36
CA ASP A 428 -14.64 2.80 9.73
C ASP A 428 -14.75 2.71 11.26
N LYS A 429 -14.76 3.87 11.95
CA LYS A 429 -14.82 3.94 13.42
C LYS A 429 -16.06 3.28 14.03
N SER A 430 -17.16 3.17 13.27
CA SER A 430 -18.38 2.56 13.78
C SER A 430 -18.30 1.04 13.91
N ALA A 431 -17.28 0.39 13.30
CA ALA A 431 -17.11 -1.07 13.45
C ALA A 431 -16.85 -1.47 14.92
N PHE A 432 -16.30 -0.54 15.69
CA PHE A 432 -15.87 -0.73 17.05
C PHE A 432 -16.78 -0.13 18.13
N VAL A 433 -18.08 0.11 17.86
CA VAL A 433 -18.97 0.68 18.88
C VAL A 433 -19.19 -0.20 20.13
N ASN A 434 -19.11 -1.54 20.00
CA ASN A 434 -19.30 -2.43 21.16
C ASN A 434 -18.00 -2.66 21.96
N LEU A 435 -16.88 -2.12 21.48
CA LEU A 435 -15.58 -2.28 22.09
C LEU A 435 -14.99 -0.91 22.55
N LYS A 436 -13.82 -0.96 23.18
CA LYS A 436 -13.05 0.21 23.56
C LYS A 436 -11.60 0.06 23.02
N GLN A 437 -10.84 1.15 22.99
CA GLN A 437 -9.45 1.11 22.54
C GLN A 437 -8.66 0.36 23.60
N LEU A 438 -7.82 -0.58 23.18
CA LEU A 438 -7.02 -1.34 24.11
C LEU A 438 -5.81 -0.47 24.47
N PRO A 439 -5.63 -0.18 25.77
CA PRO A 439 -4.48 0.65 26.17
C PRO A 439 -3.18 -0.14 26.26
N PHE A 440 -2.04 0.56 26.23
CA PHE A 440 -0.74 -0.11 26.35
C PHE A 440 -0.58 -0.70 27.75
N PHE A 441 0.00 -1.90 27.79
CA PHE A 441 0.40 -2.57 29.01
C PHE A 441 1.43 -3.62 28.61
N TYR A 442 2.30 -3.98 29.54
CA TYR A 442 3.25 -5.06 29.35
C TYR A 442 2.95 -6.04 30.49
N TYR A 443 2.77 -7.32 30.22
CA TYR A 443 2.51 -8.31 31.27
C TYR A 443 3.58 -9.40 31.21
N SER A 444 4.07 -9.85 32.37
CA SER A 444 5.02 -10.96 32.41
C SER A 444 4.98 -11.77 33.70
N ASP A 445 4.87 -13.07 33.55
CA ASP A 445 4.94 -14.02 34.66
C ASP A 445 6.30 -14.77 34.67
N SER A 446 7.24 -14.42 33.76
CA SER A 446 8.54 -15.05 33.71
C SER A 446 9.35 -14.66 34.95
N PRO A 447 10.30 -15.52 35.39
CA PRO A 447 11.06 -15.19 36.61
C PRO A 447 11.94 -13.96 36.47
N CYS A 448 12.12 -13.25 37.58
CA CYS A 448 12.97 -12.07 37.64
C CYS A 448 14.39 -12.57 37.70
N GLU A 449 15.03 -12.67 36.56
CA GLU A 449 16.38 -13.20 36.43
C GLU A 449 16.99 -12.59 35.19
N SER A 450 18.07 -11.82 35.37
CA SER A 450 18.76 -11.06 34.34
C SER A 450 19.42 -11.91 33.22
N HIS A 451 20.49 -12.67 33.52
CA HIS A 451 21.22 -13.47 32.54
C HIS A 451 21.83 -12.65 31.38
N GLY A 452 23.15 -12.70 31.23
CA GLY A 452 23.86 -12.02 30.16
C GLY A 452 24.54 -10.74 30.58
N ILE A 459 24.11 -2.84 25.97
CA ILE A 459 22.89 -2.62 26.75
C ILE A 459 23.24 -2.21 28.17
N ASP A 460 22.64 -1.10 28.66
CA ASP A 460 22.91 -0.64 30.02
C ASP A 460 21.59 -0.50 30.85
N TYR A 461 21.56 0.32 31.94
CA TYR A 461 20.38 0.43 32.78
C TYR A 461 20.15 1.79 33.47
N VAL A 462 18.87 2.20 33.52
CA VAL A 462 18.29 3.35 34.22
C VAL A 462 17.05 2.76 34.86
N PRO A 463 16.88 2.86 36.19
CA PRO A 463 15.71 2.21 36.83
C PRO A 463 14.37 2.53 36.21
N LEU A 464 13.57 1.49 35.91
CA LEU A 464 12.28 1.71 35.29
C LEU A 464 11.20 1.86 36.34
N LYS A 465 10.37 2.90 36.20
CA LYS A 465 9.19 3.15 37.02
C LYS A 465 8.01 3.28 36.06
N SER A 466 7.06 2.36 36.12
CA SER A 466 5.90 2.41 35.24
C SER A 466 4.70 1.74 35.84
N ALA A 467 3.54 2.41 35.81
CA ALA A 467 2.29 1.80 36.27
C ALA A 467 1.78 0.68 35.32
N THR A 468 2.28 0.61 34.08
CA THR A 468 1.81 -0.39 33.13
C THR A 468 2.78 -1.59 32.97
N CYS A 469 3.77 -1.75 33.86
CA CYS A 469 4.69 -2.89 33.83
C CYS A 469 4.07 -3.90 34.79
N ILE A 470 3.22 -4.79 34.31
CA ILE A 470 2.52 -5.73 35.18
C ILE A 470 3.37 -7.01 35.38
N THR A 471 4.20 -6.97 36.43
CA THR A 471 5.13 -8.03 36.82
C THR A 471 5.16 -8.18 38.36
N ARG A 472 5.68 -9.33 38.84
CA ARG A 472 5.82 -9.65 40.26
C ARG A 472 6.72 -8.64 40.96
N CYS A 473 7.76 -8.15 40.25
CA CYS A 473 8.73 -7.18 40.77
C CYS A 473 8.09 -5.83 40.97
N ASN A 474 7.24 -5.39 40.03
CA ASN A 474 6.53 -4.12 40.16
C ASN A 474 5.43 -4.20 41.23
N LEU A 475 4.81 -5.38 41.38
CA LEU A 475 3.86 -5.63 42.43
C LEU A 475 4.59 -5.52 43.80
N GLY A 476 5.75 -6.15 43.88
CA GLY A 476 6.57 -6.15 45.09
C GLY A 476 7.36 -4.89 45.36
N GLY A 477 7.17 -3.85 44.55
CA GLY A 477 7.85 -2.58 44.77
C GLY A 477 8.74 -2.06 43.66
N ALA A 478 9.86 -2.75 43.36
CA ALA A 478 10.80 -2.28 42.35
C ALA A 478 11.00 -3.21 41.12
N VAL A 479 10.81 -2.70 39.87
CA VAL A 479 11.02 -3.50 38.67
C VAL A 479 12.49 -3.98 38.55
N CYS A 480 12.69 -5.30 38.32
CA CYS A 480 14.00 -5.92 38.14
C CYS A 480 14.59 -5.51 36.77
N ARG A 481 15.91 -5.70 36.56
CA ARG A 481 16.55 -5.33 35.30
C ARG A 481 15.99 -6.11 34.09
N HIS A 482 15.71 -7.41 34.27
CA HIS A 482 15.19 -8.25 33.21
C HIS A 482 13.84 -7.73 32.69
N HIS A 483 12.90 -7.48 33.61
CA HIS A 483 11.60 -7.00 33.22
C HIS A 483 11.62 -5.56 32.70
N ALA A 484 12.60 -4.74 33.12
CA ALA A 484 12.74 -3.39 32.58
C ALA A 484 13.23 -3.43 31.12
N ASN A 485 14.14 -4.38 30.80
CA ASN A 485 14.66 -4.58 29.45
C ASN A 485 13.55 -5.08 28.55
N GLU A 486 12.81 -6.09 29.03
CA GLU A 486 11.70 -6.70 28.34
C GLU A 486 10.56 -5.73 28.14
N TYR A 487 10.30 -4.86 29.12
CA TYR A 487 9.24 -3.85 29.03
C TYR A 487 9.55 -2.84 27.92
N ARG A 488 10.82 -2.36 27.89
CA ARG A 488 11.24 -1.35 26.92
C ARG A 488 11.29 -1.89 25.52
N LEU A 489 11.70 -3.15 25.35
CA LEU A 489 11.69 -3.81 24.05
C LEU A 489 10.26 -3.99 23.55
N TYR A 490 9.32 -4.36 24.45
CA TYR A 490 7.93 -4.54 24.10
C TYR A 490 7.24 -3.23 23.77
N LEU A 491 7.53 -2.18 24.50
CA LEU A 491 6.98 -0.86 24.21
C LEU A 491 7.48 -0.38 22.82
N ASP A 492 8.73 -0.72 22.46
CA ASP A 492 9.29 -0.37 21.16
C ASP A 492 8.56 -1.09 20.05
N ALA A 493 8.29 -2.40 20.24
CA ALA A 493 7.57 -3.20 19.26
C ALA A 493 6.12 -2.68 19.12
N TYR A 494 5.50 -2.36 20.23
CA TYR A 494 4.18 -1.81 20.29
C TYR A 494 4.06 -0.51 19.49
N ASN A 495 4.97 0.43 19.71
CA ASN A 495 4.97 1.72 19.00
C ASN A 495 5.20 1.54 17.50
N MET A 496 6.04 0.58 17.12
CA MET A 496 6.34 0.25 15.74
C MET A 496 5.03 -0.15 15.01
N MET A 497 4.30 -1.11 15.61
CA MET A 497 3.04 -1.65 15.10
C MET A 497 1.92 -0.59 15.05
N ILE A 498 1.85 0.27 16.05
CA ILE A 498 0.82 1.31 16.10
C ILE A 498 1.08 2.33 15.00
N SER A 499 2.34 2.76 14.86
CA SER A 499 2.73 3.73 13.85
C SER A 499 2.66 3.15 12.40
N ALA A 500 2.81 1.83 12.25
CA ALA A 500 2.63 1.17 10.95
C ALA A 500 1.14 1.24 10.47
N GLY A 501 0.21 1.60 11.36
CA GLY A 501 -1.20 1.79 11.05
C GLY A 501 -2.17 0.90 11.80
N PHE A 502 -1.68 -0.06 12.57
CA PHE A 502 -2.56 -0.97 13.28
C PHE A 502 -3.20 -0.35 14.50
N SER A 503 -4.44 -0.77 14.78
CA SER A 503 -5.20 -0.27 15.91
C SER A 503 -5.77 -1.45 16.67
N LEU A 504 -5.68 -1.41 18.00
CA LEU A 504 -6.16 -2.48 18.86
C LEU A 504 -7.39 -2.11 19.65
N TRP A 505 -8.35 -3.03 19.67
CA TRP A 505 -9.63 -2.82 20.33
C TRP A 505 -9.97 -4.05 21.19
N VAL A 506 -10.63 -3.83 22.33
CA VAL A 506 -10.94 -4.93 23.25
C VAL A 506 -12.36 -4.75 23.86
N TYR A 507 -12.93 -5.85 24.37
CA TYR A 507 -14.20 -5.84 25.08
C TYR A 507 -14.14 -4.85 26.28
N LYS A 508 -15.25 -4.16 26.57
CA LYS A 508 -15.31 -3.11 27.59
C LYS A 508 -14.94 -3.55 29.01
N GLN A 509 -15.15 -4.81 29.38
CA GLN A 509 -14.78 -5.30 30.71
C GLN A 509 -13.29 -5.50 30.92
N PHE A 510 -12.47 -5.44 29.84
CA PHE A 510 -11.04 -5.65 29.96
C PHE A 510 -10.38 -4.64 30.92
N ASP A 511 -9.71 -5.18 31.93
CA ASP A 511 -9.09 -4.37 32.96
C ASP A 511 -7.80 -5.04 33.37
N THR A 512 -6.67 -4.36 33.19
CA THR A 512 -5.37 -4.93 33.59
C THR A 512 -5.21 -5.09 35.11
N TYR A 513 -6.09 -4.44 35.90
CA TYR A 513 -6.08 -4.59 37.35
C TYR A 513 -6.28 -6.06 37.74
N ASN A 514 -7.02 -6.82 36.90
CA ASN A 514 -7.28 -8.23 37.08
C ASN A 514 -6.09 -9.14 36.85
N LEU A 515 -4.95 -8.59 36.37
CA LEU A 515 -3.75 -9.39 36.14
C LEU A 515 -2.82 -9.45 37.35
N TRP A 516 -2.90 -8.48 38.26
CA TRP A 516 -2.05 -8.48 39.45
C TRP A 516 -2.23 -9.74 40.33
N ASN A 517 -3.45 -10.29 40.40
CA ASN A 517 -3.71 -11.49 41.18
C ASN A 517 -3.22 -12.79 40.53
N THR A 518 -2.66 -12.74 39.32
CA THR A 518 -2.05 -13.93 38.71
C THR A 518 -0.64 -14.22 39.32
N PHE A 519 -0.18 -13.39 40.30
CA PHE A 519 1.04 -13.54 41.07
C PHE A 519 0.56 -13.67 42.52
N THR A 520 0.55 -14.91 43.07
CA THR A 520 0.07 -15.16 44.44
C THR A 520 0.99 -16.12 45.20
ZN ZN B . -11.38 5.87 -7.05
ZN ZN C . 11.06 -8.85 37.47
ZN ZN D . 21.86 6.75 -6.88
P PO4 E . 9.87 -2.42 -7.39
O1 PO4 E . 11.14 -1.69 -6.84
O2 PO4 E . 8.89 -2.85 -6.19
O3 PO4 E . 10.37 -3.74 -8.15
O4 PO4 E . 9.04 -1.47 -8.36
P PO4 F . 9.30 -12.12 28.98
O1 PO4 F . 10.55 -12.01 29.90
O2 PO4 F . 8.00 -12.46 29.84
O3 PO4 F . 9.04 -10.75 28.20
O4 PO4 F . 9.57 -13.30 27.94
N1 LQI G . -2.31 -8.65 7.18
C4 LQI G . -3.14 -8.33 6.01
C5 LQI G . -1.80 -7.49 7.93
C6 LQI G . -2.13 -6.18 7.24
C7 LQI G . -2.05 -9.90 7.58
C8 LQI G . -2.92 -10.99 7.22
C10 LQI G . -3.91 -12.91 6.64
C13 LQI G . -6.59 -13.59 6.91
C15 LQI G . -4.85 -12.05 7.23
C1 LQI G . -3.87 -4.81 6.07
C2 LQI G . -3.63 -6.02 6.94
C3 LQI G . -4.21 -7.30 6.34
O1 LQI G . -1.08 -10.13 8.29
C9 LQI G . -2.67 -12.22 6.70
C11 LQI G . -4.35 -14.16 6.18
C12 LQI G . -5.69 -14.46 6.31
C14 LQI G . -6.18 -12.35 7.38
O2 LQI G . -4.25 -10.89 7.61
#